data_1FH9
#
_entry.id   1FH9
#
_cell.length_a   87.250
_cell.length_b   87.250
_cell.length_c   80.360
_cell.angle_alpha   90.00
_cell.angle_beta   90.00
_cell.angle_gamma   90.00
#
_symmetry.space_group_name_H-M   'P 41 21 2'
#
loop_
_entity.id
_entity.type
_entity.pdbx_description
1 polymer BETA-1,4-XYLANASE
2 branched beta-D-xylopyranose-(1-4)-(2Z,3S,4S,5R)-2-hydroxyiminopiperidine-3,4,5-triol
3 water water
#
_entity_poly.entity_id   1
_entity_poly.type   'polypeptide(L)'
_entity_poly.pdbx_seq_one_letter_code
;ATTLKEAADGAGRDFGFALDPNRLSEAQYKAIADSEFNLVVAENAMKWDATEPSQNSFSFGAGDRVASYAADTGKELYGH
TLVWHSQLPDWAKNLNGSAFESAMVNHVTKVADHFEGKVASWDVVNEAFADGGGRRQDSAFQQKLGNGYIETAFRAARAA
DPTAKLCINDYNVEGINAKSNSLYDLVKDFKARGVPLDCVGFQSHLIVGQVPGDFRQNLQRFADLGVDVRITELDIRMRT
PSDATKLATQAADYKKVVQACMQVTRCQGVTVWGITDKYSWVPDVFPGEGAALVWDASYAKKPAYAAVMEAF
;
_entity_poly.pdbx_strand_id   A
#
loop_
_chem_comp.id
_chem_comp.type
_chem_comp.name
_chem_comp.formula
LOX D-saccharide (2Z,3S,4S,5R)-2-hydroxyiminopiperidine-3,4,5-triol 'C5 H10 N2 O4'
XYP D-saccharide, beta linking beta-D-xylopyranose 'C5 H10 O5'
#
# COMPACT_ATOMS: atom_id res chain seq x y z
N ALA A 1 20.07 -8.62 -15.17
CA ALA A 1 19.09 -7.49 -15.30
C ALA A 1 19.79 -6.16 -15.12
N THR A 2 19.28 -5.12 -15.81
CA THR A 2 19.86 -3.78 -15.74
C THR A 2 18.98 -2.84 -14.94
N THR A 3 17.70 -3.18 -14.82
CA THR A 3 16.75 -2.37 -14.07
C THR A 3 15.98 -3.27 -13.11
N LEU A 4 15.39 -2.68 -12.08
CA LEU A 4 14.62 -3.44 -11.11
C LEU A 4 13.35 -3.95 -11.79
N LYS A 5 12.95 -3.27 -12.86
CA LYS A 5 11.77 -3.65 -13.63
C LYS A 5 12.00 -5.02 -14.25
N GLU A 6 13.16 -5.19 -14.87
CA GLU A 6 13.52 -6.46 -15.51
C GLU A 6 13.66 -7.55 -14.46
N ALA A 7 14.30 -7.21 -13.35
CA ALA A 7 14.50 -8.16 -12.26
C ALA A 7 13.16 -8.71 -11.78
N ALA A 8 12.22 -7.81 -11.52
CA ALA A 8 10.89 -8.21 -11.06
C ALA A 8 10.15 -8.94 -12.18
N ASP A 9 10.21 -8.39 -13.40
CA ASP A 9 9.55 -9.05 -14.52
C ASP A 9 10.03 -10.50 -14.62
N GLY A 10 11.33 -10.70 -14.45
CA GLY A 10 11.91 -12.03 -14.54
C GLY A 10 11.48 -12.97 -13.44
N ALA A 11 11.13 -12.41 -12.29
CA ALA A 11 10.70 -13.20 -11.14
C ALA A 11 9.19 -13.40 -11.16
N GLY A 12 8.54 -12.91 -12.21
CA GLY A 12 7.10 -13.04 -12.33
C GLY A 12 6.38 -12.30 -11.22
N ARG A 13 6.97 -11.20 -10.77
CA ARG A 13 6.37 -10.42 -9.70
C ARG A 13 6.36 -8.93 -10.03
N ASP A 14 5.70 -8.16 -9.18
CA ASP A 14 5.60 -6.71 -9.37
C ASP A 14 6.55 -5.97 -8.47
N PHE A 15 7.08 -4.86 -8.98
CA PHE A 15 7.94 -3.98 -8.21
C PHE A 15 7.37 -2.61 -8.52
N GLY A 16 6.68 -2.02 -7.55
CA GLY A 16 6.07 -0.73 -7.78
C GLY A 16 6.52 0.42 -6.91
N PHE A 17 5.97 1.59 -7.19
CA PHE A 17 6.30 2.79 -6.44
C PHE A 17 5.06 3.65 -6.28
N ALA A 18 5.07 4.48 -5.24
CA ALA A 18 3.97 5.39 -4.96
C ALA A 18 4.24 6.66 -5.75
N LEU A 19 3.33 6.97 -6.68
CA LEU A 19 3.45 8.13 -7.55
C LEU A 19 2.72 9.39 -7.11
N ASP A 20 3.40 10.53 -7.26
CA ASP A 20 2.81 11.85 -7.03
C ASP A 20 2.77 12.31 -8.49
N PRO A 21 1.57 12.36 -9.09
CA PRO A 21 1.46 12.77 -10.50
C PRO A 21 2.14 14.09 -10.88
N ASN A 22 2.23 15.02 -9.95
CA ASN A 22 2.85 16.30 -10.24
C ASN A 22 4.34 16.18 -10.55
N ARG A 23 4.98 15.15 -10.00
CA ARG A 23 6.42 14.95 -10.21
C ARG A 23 6.77 14.40 -11.58
N LEU A 24 5.75 13.99 -12.34
CA LEU A 24 6.01 13.44 -13.67
C LEU A 24 6.63 14.48 -14.60
N SER A 25 6.50 15.75 -14.23
CA SER A 25 7.04 16.85 -15.03
C SER A 25 8.51 17.09 -14.67
N GLU A 26 9.02 16.32 -13.72
CA GLU A 26 10.41 16.42 -13.28
C GLU A 26 11.15 15.29 -14.00
N ALA A 27 11.98 15.67 -14.98
CA ALA A 27 12.71 14.71 -15.82
C ALA A 27 13.32 13.48 -15.17
N GLN A 28 14.17 13.68 -14.17
CA GLN A 28 14.83 12.54 -13.52
C GLN A 28 13.84 11.62 -12.80
N TYR A 29 12.81 12.21 -12.20
CA TYR A 29 11.79 11.44 -11.51
C TYR A 29 11.10 10.52 -12.51
N LYS A 30 10.65 11.10 -13.62
CA LYS A 30 9.98 10.33 -14.66
C LYS A 30 10.86 9.23 -15.26
N ALA A 31 12.14 9.55 -15.49
CA ALA A 31 13.04 8.58 -16.07
C ALA A 31 13.13 7.32 -15.23
N ILE A 32 13.19 7.51 -13.91
CA ILE A 32 13.29 6.38 -12.97
C ILE A 32 11.94 5.65 -12.87
N ALA A 33 10.87 6.43 -12.80
CA ALA A 33 9.53 5.85 -12.71
C ALA A 33 9.27 4.98 -13.95
N ASP A 34 9.62 5.51 -15.12
CA ASP A 34 9.44 4.80 -16.38
C ASP A 34 10.28 3.54 -16.51
N SER A 35 11.55 3.64 -16.12
CA SER A 35 12.48 2.52 -16.28
C SER A 35 12.66 1.48 -15.19
N GLU A 36 12.40 1.82 -13.93
CA GLU A 36 12.65 0.88 -12.84
C GLU A 36 11.47 0.17 -12.19
N PHE A 37 10.25 0.47 -12.62
CA PHE A 37 9.08 -0.17 -12.01
C PHE A 37 8.11 -0.77 -13.03
N ASN A 38 7.31 -1.73 -12.58
CA ASN A 38 6.31 -2.33 -13.45
C ASN A 38 4.92 -2.22 -12.81
N LEU A 39 4.84 -1.46 -11.73
CA LEU A 39 3.58 -1.24 -11.03
C LEU A 39 3.57 0.15 -10.42
N VAL A 40 2.39 0.75 -10.38
CA VAL A 40 2.25 2.08 -9.82
C VAL A 40 1.01 2.20 -8.93
N VAL A 41 1.15 2.95 -7.84
CA VAL A 41 0.06 3.19 -6.92
C VAL A 41 0.05 4.69 -6.64
N ALA A 42 -1.13 5.26 -6.40
CA ALA A 42 -1.22 6.68 -6.11
C ALA A 42 -0.85 6.93 -4.65
N GLU A 43 0.17 7.74 -4.41
CA GLU A 43 0.57 8.03 -3.04
C GLU A 43 -0.54 8.77 -2.30
N ASN A 44 -1.30 9.61 -3.02
CA ASN A 44 -2.38 10.38 -2.41
C ASN A 44 -3.59 10.62 -3.30
N ALA A 45 -3.38 10.61 -4.62
CA ALA A 45 -4.42 10.91 -5.60
C ALA A 45 -5.76 10.15 -5.54
N MET A 46 -5.78 8.95 -4.98
CA MET A 46 -7.03 8.19 -4.95
C MET A 46 -7.65 8.04 -3.56
N LYS A 47 -7.17 8.82 -2.61
CA LYS A 47 -7.71 8.77 -1.26
C LYS A 47 -9.02 9.54 -1.21
N TRP A 48 -9.76 9.36 -0.12
CA TRP A 48 -11.05 10.01 0.05
C TRP A 48 -11.00 11.54 -0.08
N ASP A 49 -10.04 12.17 0.60
CA ASP A 49 -9.96 13.63 0.53
C ASP A 49 -9.67 14.15 -0.87
N ALA A 50 -8.94 13.37 -1.67
CA ALA A 50 -8.61 13.77 -3.03
C ALA A 50 -9.70 13.44 -4.05
N THR A 51 -10.54 12.46 -3.74
CA THR A 51 -11.58 12.03 -4.68
C THR A 51 -12.99 12.56 -4.40
N GLU A 52 -13.31 12.80 -3.12
CA GLU A 52 -14.64 13.31 -2.79
C GLU A 52 -14.50 14.43 -1.76
N PRO A 53 -13.94 15.58 -2.19
CA PRO A 53 -13.72 16.74 -1.32
C PRO A 53 -14.99 17.26 -0.64
N SER A 54 -16.13 17.09 -1.31
CA SER A 54 -17.42 17.48 -0.74
C SER A 54 -18.34 16.30 -1.03
N GLN A 55 -19.31 16.06 -0.17
CA GLN A 55 -20.20 14.91 -0.41
C GLN A 55 -20.86 14.96 -1.78
N ASN A 56 -20.79 13.84 -2.50
CA ASN A 56 -21.36 13.70 -3.83
C ASN A 56 -20.67 14.50 -4.93
N SER A 57 -19.56 15.16 -4.59
CA SER A 57 -18.81 15.93 -5.58
C SER A 57 -17.47 15.26 -5.72
N PHE A 58 -17.28 14.52 -6.82
CA PHE A 58 -16.03 13.84 -7.04
C PHE A 58 -15.06 14.58 -7.94
N SER A 59 -13.77 14.40 -7.67
CA SER A 59 -12.71 15.04 -8.44
C SER A 59 -11.69 13.96 -8.75
N PHE A 60 -11.74 13.44 -9.98
CA PHE A 60 -10.84 12.36 -10.39
C PHE A 60 -9.65 12.79 -11.22
N GLY A 61 -9.48 14.09 -11.43
CA GLY A 61 -8.37 14.57 -12.22
C GLY A 61 -7.02 13.98 -11.80
N ALA A 62 -6.71 14.07 -10.52
CA ALA A 62 -5.44 13.56 -10.01
C ALA A 62 -5.34 12.05 -10.13
N GLY A 63 -6.40 11.35 -9.73
CA GLY A 63 -6.40 9.90 -9.81
C GLY A 63 -6.33 9.43 -11.24
N ASP A 64 -7.00 10.16 -12.14
CA ASP A 64 -6.98 9.80 -13.55
C ASP A 64 -5.56 9.93 -14.10
N ARG A 65 -4.84 10.95 -13.64
CA ARG A 65 -3.48 11.16 -14.12
C ARG A 65 -2.62 9.96 -13.78
N VAL A 66 -2.77 9.45 -12.55
CA VAL A 66 -2.02 8.29 -12.10
C VAL A 66 -2.41 7.07 -12.93
N ALA A 67 -3.71 6.89 -13.13
CA ALA A 67 -4.21 5.76 -13.90
C ALA A 67 -3.70 5.82 -15.34
N SER A 68 -3.72 7.01 -15.93
CA SER A 68 -3.26 7.19 -17.30
C SER A 68 -1.77 6.85 -17.42
N TYR A 69 -0.98 7.29 -16.44
CA TYR A 69 0.45 7.01 -16.45
C TYR A 69 0.69 5.50 -16.48
N ALA A 70 -0.10 4.75 -15.72
CA ALA A 70 0.03 3.30 -15.66
C ALA A 70 -0.28 2.66 -17.00
N ALA A 71 -1.39 3.05 -17.61
CA ALA A 71 -1.78 2.47 -18.89
C ALA A 71 -0.81 2.86 -19.98
N ASP A 72 -0.42 4.13 -19.99
CA ASP A 72 0.49 4.65 -21.00
C ASP A 72 1.87 4.02 -20.97
N THR A 73 2.35 3.65 -19.78
CA THR A 73 3.67 3.04 -19.67
C THR A 73 3.65 1.53 -19.50
N GLY A 74 2.47 0.94 -19.59
CA GLY A 74 2.34 -0.50 -19.45
C GLY A 74 2.64 -1.07 -18.07
N LYS A 75 2.29 -0.34 -17.02
CA LYS A 75 2.52 -0.80 -15.67
C LYS A 75 1.19 -1.19 -15.02
N GLU A 76 1.22 -2.12 -14.07
CA GLU A 76 0.02 -2.53 -13.37
C GLU A 76 -0.40 -1.34 -12.50
N LEU A 77 -1.69 -1.23 -12.23
CA LEU A 77 -2.21 -0.13 -11.42
C LEU A 77 -2.81 -0.68 -10.13
N TYR A 78 -2.33 -0.20 -8.99
CA TYR A 78 -2.82 -0.63 -7.66
C TYR A 78 -3.57 0.57 -7.06
N GLY A 79 -4.73 0.33 -6.44
CA GLY A 79 -5.49 1.45 -5.89
C GLY A 79 -5.35 1.55 -4.38
N HIS A 80 -5.04 2.76 -3.93
CA HIS A 80 -4.88 3.06 -2.51
C HIS A 80 -5.57 4.40 -2.24
N THR A 81 -6.63 4.48 -1.43
CA THR A 81 -7.30 3.43 -0.65
C THR A 81 -8.77 3.90 -0.47
N LEU A 82 -9.72 2.98 -0.63
CA LEU A 82 -11.09 3.41 -0.47
C LEU A 82 -11.68 3.85 0.92
N VAL A 83 -11.46 3.03 1.97
CA VAL A 83 -11.99 3.34 3.31
C VAL A 83 -10.77 3.40 4.22
N TRP A 84 -10.55 4.57 4.80
CA TRP A 84 -9.41 4.80 5.70
C TRP A 84 -9.79 5.91 6.69
N HIS A 85 -9.39 5.75 7.94
CA HIS A 85 -9.73 6.74 8.96
C HIS A 85 -8.97 8.06 8.81
N SER A 86 -7.84 8.01 8.10
CA SER A 86 -7.03 9.21 7.88
C SER A 86 -7.33 9.87 6.54
N GLN A 87 -6.98 11.15 6.41
CA GLN A 87 -7.24 11.90 5.19
C GLN A 87 -8.71 11.73 4.77
N LEU A 88 -9.57 11.82 5.79
CA LEU A 88 -11.01 11.72 5.64
C LEU A 88 -11.56 13.13 5.83
N PRO A 89 -12.27 13.67 4.82
CA PRO A 89 -12.84 15.02 4.90
C PRO A 89 -13.75 15.24 6.10
N ASP A 90 -13.74 16.46 6.64
CA ASP A 90 -14.58 16.79 7.78
C ASP A 90 -16.06 16.51 7.51
N TRP A 91 -16.52 16.78 6.29
CA TRP A 91 -17.93 16.56 5.99
C TRP A 91 -18.35 15.12 6.29
N ALA A 92 -17.44 14.18 6.07
CA ALA A 92 -17.73 12.77 6.33
C ALA A 92 -17.73 12.52 7.85
N LYS A 93 -16.75 13.11 8.54
CA LYS A 93 -16.65 12.95 9.99
C LYS A 93 -17.86 13.56 10.70
N ASN A 94 -18.50 14.51 10.04
CA ASN A 94 -19.66 15.19 10.59
C ASN A 94 -20.96 14.41 10.44
N LEU A 95 -20.92 13.32 9.67
CA LEU A 95 -22.10 12.49 9.47
C LEU A 95 -22.12 11.37 10.51
N ASN A 96 -23.30 10.80 10.76
CA ASN A 96 -23.44 9.71 11.71
C ASN A 96 -24.53 8.74 11.28
N GLY A 97 -24.56 7.58 11.91
CA GLY A 97 -25.58 6.59 11.59
C GLY A 97 -25.73 6.24 10.12
N SER A 98 -26.97 6.06 9.69
CA SER A 98 -27.25 5.69 8.30
C SER A 98 -26.64 6.65 7.31
N ALA A 99 -26.71 7.94 7.60
CA ALA A 99 -26.15 8.96 6.72
C ALA A 99 -24.68 8.68 6.46
N PHE A 100 -23.95 8.34 7.51
CA PHE A 100 -22.52 8.06 7.37
C PHE A 100 -22.29 6.77 6.58
N GLU A 101 -23.04 5.73 6.91
CA GLU A 101 -22.87 4.46 6.21
C GLU A 101 -23.16 4.63 4.72
N SER A 102 -24.21 5.38 4.40
CA SER A 102 -24.57 5.63 3.01
C SER A 102 -23.48 6.40 2.29
N ALA A 103 -22.84 7.32 2.99
CA ALA A 103 -21.77 8.11 2.39
C ALA A 103 -20.57 7.21 2.10
N MET A 104 -20.26 6.29 3.02
CA MET A 104 -19.15 5.37 2.84
C MET A 104 -19.43 4.44 1.66
N VAL A 105 -20.60 3.84 1.67
CA VAL A 105 -20.99 2.92 0.60
C VAL A 105 -20.93 3.61 -0.77
N ASN A 106 -21.46 4.82 -0.86
CA ASN A 106 -21.44 5.53 -2.13
C ASN A 106 -20.02 5.89 -2.54
N HIS A 107 -19.18 6.24 -1.57
CA HIS A 107 -17.80 6.59 -1.89
C HIS A 107 -17.09 5.39 -2.50
N VAL A 108 -17.32 4.21 -1.92
CA VAL A 108 -16.71 2.99 -2.43
C VAL A 108 -17.22 2.72 -3.84
N THR A 109 -18.53 2.76 -4.00
CA THR A 109 -19.16 2.49 -5.29
C THR A 109 -18.69 3.45 -6.38
N LYS A 110 -18.71 4.74 -6.10
CA LYS A 110 -18.29 5.75 -7.07
C LYS A 110 -16.83 5.64 -7.48
N VAL A 111 -15.93 5.51 -6.50
CA VAL A 111 -14.51 5.41 -6.81
C VAL A 111 -14.17 4.08 -7.49
N ALA A 112 -14.67 2.98 -6.95
CA ALA A 112 -14.42 1.66 -7.55
C ALA A 112 -14.96 1.64 -8.98
N ASP A 113 -16.15 2.19 -9.16
CA ASP A 113 -16.76 2.21 -10.49
C ASP A 113 -15.94 3.06 -11.46
N HIS A 114 -15.51 4.22 -11.01
CA HIS A 114 -14.75 5.11 -11.88
C HIS A 114 -13.50 4.45 -12.45
N PHE A 115 -12.75 3.75 -11.60
CA PHE A 115 -11.52 3.11 -12.04
C PHE A 115 -11.66 1.65 -12.43
N GLU A 116 -12.90 1.19 -12.58
CA GLU A 116 -13.16 -0.19 -12.96
C GLU A 116 -12.47 -0.55 -14.28
N GLY A 117 -11.79 -1.69 -14.30
CA GLY A 117 -11.10 -2.10 -15.51
C GLY A 117 -9.72 -1.47 -15.67
N LYS A 118 -9.39 -0.52 -14.80
CA LYS A 118 -8.08 0.12 -14.84
C LYS A 118 -7.28 -0.30 -13.60
N VAL A 119 -7.83 -0.06 -12.42
CA VAL A 119 -7.16 -0.47 -11.19
C VAL A 119 -7.35 -1.98 -11.08
N ALA A 120 -6.25 -2.71 -10.92
CA ALA A 120 -6.33 -4.17 -10.83
C ALA A 120 -6.61 -4.68 -9.43
N SER A 121 -6.18 -3.95 -8.42
CA SER A 121 -6.39 -4.35 -7.02
C SER A 121 -6.63 -3.11 -6.18
N TRP A 122 -7.42 -3.26 -5.12
CA TRP A 122 -7.72 -2.14 -4.23
C TRP A 122 -7.42 -2.40 -2.77
N ASP A 123 -6.89 -1.39 -2.10
CA ASP A 123 -6.73 -1.49 -0.66
C ASP A 123 -8.12 -0.98 -0.31
N VAL A 124 -9.07 -1.89 -0.13
CA VAL A 124 -10.44 -1.49 0.18
C VAL A 124 -10.55 -0.86 1.55
N VAL A 125 -9.96 -1.52 2.55
CA VAL A 125 -9.95 -1.02 3.92
C VAL A 125 -8.49 -0.93 4.33
N ASN A 126 -8.13 0.21 4.93
CA ASN A 126 -6.75 0.45 5.35
C ASN A 126 -6.64 0.74 6.85
N GLU A 127 -5.67 0.10 7.51
CA GLU A 127 -5.40 0.29 8.95
C GLU A 127 -6.58 0.16 9.89
N ALA A 128 -7.30 -0.95 9.79
CA ALA A 128 -8.47 -1.18 10.65
C ALA A 128 -8.10 -1.66 12.04
N PHE A 129 -6.87 -2.14 12.22
CA PHE A 129 -6.47 -2.65 13.53
C PHE A 129 -5.55 -1.79 14.36
N ALA A 130 -5.34 -2.21 15.61
CA ALA A 130 -4.50 -1.48 16.53
C ALA A 130 -3.24 -2.25 16.93
N ASP A 131 -2.16 -1.51 17.13
CA ASP A 131 -0.92 -2.14 17.56
C ASP A 131 -1.31 -2.75 18.90
N GLY A 132 -0.90 -3.98 19.16
CA GLY A 132 -1.26 -4.62 20.41
C GLY A 132 -2.51 -5.47 20.30
N GLY A 133 -3.13 -5.44 19.12
CA GLY A 133 -4.33 -6.22 18.90
C GLY A 133 -5.64 -5.46 19.02
N GLY A 134 -6.68 -5.99 18.39
CA GLY A 134 -7.98 -5.35 18.45
C GLY A 134 -8.15 -4.33 17.34
N ARG A 135 -9.30 -3.66 17.34
CA ARG A 135 -9.61 -2.65 16.32
C ARG A 135 -9.00 -1.29 16.66
N ARG A 136 -8.71 -0.52 15.62
CA ARG A 136 -8.15 0.82 15.77
C ARG A 136 -9.09 1.65 16.64
N GLN A 137 -8.51 2.41 17.58
CA GLN A 137 -9.28 3.23 18.52
C GLN A 137 -9.55 4.69 18.16
N ASP A 138 -9.10 5.13 16.98
CA ASP A 138 -9.33 6.51 16.59
C ASP A 138 -9.88 6.61 15.17
N SER A 139 -10.73 5.66 14.81
CA SER A 139 -11.33 5.61 13.49
C SER A 139 -12.80 6.01 13.47
N ALA A 140 -13.15 6.95 12.59
CA ALA A 140 -14.54 7.38 12.49
C ALA A 140 -15.42 6.19 12.07
N PHE A 141 -14.87 5.32 11.23
CA PHE A 141 -15.61 4.14 10.77
C PHE A 141 -15.88 3.17 11.92
N GLN A 142 -14.87 2.92 12.73
CA GLN A 142 -15.02 2.01 13.86
C GLN A 142 -15.99 2.59 14.89
N GLN A 143 -15.84 3.88 15.19
CA GLN A 143 -16.68 4.55 16.17
C GLN A 143 -18.14 4.77 15.76
N LYS A 144 -18.36 5.07 14.49
CA LYS A 144 -19.72 5.32 14.00
C LYS A 144 -20.48 4.07 13.55
N LEU A 145 -19.77 3.09 13.00
CA LEU A 145 -20.42 1.89 12.49
C LEU A 145 -20.09 0.58 13.19
N GLY A 146 -19.05 0.57 14.02
CA GLY A 146 -18.69 -0.65 14.71
C GLY A 146 -17.93 -1.66 13.86
N ASN A 147 -17.85 -2.89 14.34
CA ASN A 147 -17.11 -3.94 13.65
C ASN A 147 -17.50 -4.31 12.22
N GLY A 148 -18.78 -4.20 11.87
CA GLY A 148 -19.23 -4.58 10.54
C GLY A 148 -18.92 -3.69 9.35
N TYR A 149 -18.34 -2.52 9.57
CA TYR A 149 -18.05 -1.64 8.45
C TYR A 149 -17.09 -2.23 7.42
N ILE A 150 -16.14 -3.05 7.88
CA ILE A 150 -15.18 -3.65 6.97
C ILE A 150 -15.86 -4.56 5.95
N GLU A 151 -16.73 -5.44 6.42
CA GLU A 151 -17.44 -6.34 5.52
C GLU A 151 -18.33 -5.54 4.57
N THR A 152 -18.96 -4.48 5.07
CA THR A 152 -19.82 -3.64 4.23
C THR A 152 -19.01 -3.04 3.09
N ALA A 153 -17.83 -2.53 3.40
CA ALA A 153 -16.97 -1.93 2.38
C ALA A 153 -16.56 -2.94 1.31
N PHE A 154 -16.18 -4.15 1.73
CA PHE A 154 -15.76 -5.16 0.77
C PHE A 154 -16.90 -5.62 -0.12
N ARG A 155 -18.08 -5.79 0.45
CA ARG A 155 -19.20 -6.22 -0.36
C ARG A 155 -19.57 -5.13 -1.35
N ALA A 156 -19.51 -3.87 -0.90
CA ALA A 156 -19.83 -2.74 -1.76
C ALA A 156 -18.82 -2.64 -2.90
N ALA A 157 -17.55 -2.86 -2.59
CA ALA A 157 -16.50 -2.80 -3.58
C ALA A 157 -16.67 -3.89 -4.65
N ARG A 158 -16.94 -5.12 -4.21
CA ARG A 158 -17.12 -6.24 -5.13
C ARG A 158 -18.31 -6.02 -6.06
N ALA A 159 -19.37 -5.44 -5.53
CA ALA A 159 -20.56 -5.18 -6.32
C ALA A 159 -20.25 -4.16 -7.42
N ALA A 160 -19.42 -3.17 -7.09
CA ALA A 160 -19.04 -2.14 -8.05
C ALA A 160 -18.00 -2.61 -9.05
N ASP A 161 -17.08 -3.46 -8.59
CA ASP A 161 -16.04 -4.00 -9.46
C ASP A 161 -15.97 -5.50 -9.20
N PRO A 162 -16.66 -6.29 -10.05
CA PRO A 162 -16.69 -7.74 -9.89
C PRO A 162 -15.37 -8.50 -10.04
N THR A 163 -14.38 -7.93 -10.71
CA THR A 163 -13.12 -8.67 -10.91
C THR A 163 -11.87 -8.17 -10.18
N ALA A 164 -11.89 -6.91 -9.71
CA ALA A 164 -10.72 -6.37 -9.02
C ALA A 164 -10.35 -7.17 -7.79
N LYS A 165 -9.04 -7.31 -7.53
CA LYS A 165 -8.57 -8.04 -6.36
C LYS A 165 -8.76 -7.10 -5.17
N LEU A 166 -9.59 -7.50 -4.21
CA LEU A 166 -9.87 -6.67 -3.06
C LEU A 166 -9.01 -7.01 -1.85
N CYS A 167 -8.19 -6.05 -1.42
CA CYS A 167 -7.29 -6.27 -0.29
C CYS A 167 -7.59 -5.44 0.95
N ILE A 168 -7.08 -5.92 2.08
CA ILE A 168 -7.16 -5.20 3.34
C ILE A 168 -5.68 -4.90 3.60
N ASN A 169 -5.36 -3.67 3.96
CA ASN A 169 -4.00 -3.20 4.20
C ASN A 169 -3.75 -2.75 5.63
N ASP A 170 -2.53 -2.92 6.14
CA ASP A 170 -2.18 -2.43 7.48
C ASP A 170 -0.68 -2.43 7.68
N TYR A 171 -0.22 -1.78 8.75
CA TYR A 171 1.20 -1.70 9.06
C TYR A 171 1.49 -2.37 10.40
N ASN A 172 2.75 -2.67 10.67
CA ASN A 172 3.15 -3.34 11.91
C ASN A 172 2.50 -4.71 12.00
N VAL A 173 2.30 -5.33 10.85
CA VAL A 173 1.69 -6.65 10.79
C VAL A 173 2.54 -7.57 9.94
N GLU A 174 3.80 -7.18 9.75
CA GLU A 174 4.71 -7.96 8.93
C GLU A 174 5.14 -9.24 9.62
N GLY A 175 5.27 -9.18 10.94
CA GLY A 175 5.65 -10.35 11.70
C GLY A 175 4.44 -10.87 12.46
N ILE A 176 4.58 -12.02 13.10
CA ILE A 176 3.49 -12.57 13.88
C ILE A 176 3.43 -11.84 15.21
N ASN A 177 2.30 -11.17 15.46
CA ASN A 177 2.09 -10.43 16.70
C ASN A 177 0.60 -10.25 16.94
N ALA A 178 0.24 -9.61 18.05
CA ALA A 178 -1.16 -9.39 18.39
C ALA A 178 -1.94 -8.72 17.27
N LYS A 179 -1.32 -7.73 16.62
CA LYS A 179 -1.99 -7.00 15.55
C LYS A 179 -2.20 -7.86 14.31
N SER A 180 -1.15 -8.54 13.85
CA SER A 180 -1.28 -9.37 12.67
C SER A 180 -2.22 -10.54 12.98
N ASN A 181 -2.27 -10.96 14.24
CA ASN A 181 -3.16 -12.05 14.62
C ASN A 181 -4.62 -11.62 14.48
N SER A 182 -4.93 -10.39 14.89
CA SER A 182 -6.30 -9.90 14.76
C SER A 182 -6.66 -9.84 13.27
N LEU A 183 -5.71 -9.42 12.45
CA LEU A 183 -5.90 -9.32 11.01
C LEU A 183 -6.10 -10.72 10.43
N TYR A 184 -5.30 -11.67 10.91
CA TYR A 184 -5.37 -13.06 10.47
C TYR A 184 -6.77 -13.61 10.74
N ASP A 185 -7.30 -13.35 11.94
CA ASP A 185 -8.63 -13.83 12.31
C ASP A 185 -9.71 -13.28 11.36
N LEU A 186 -9.61 -11.99 11.06
CA LEU A 186 -10.56 -11.32 10.17
C LEU A 186 -10.51 -11.98 8.79
N VAL A 187 -9.31 -12.12 8.24
CA VAL A 187 -9.13 -12.72 6.92
C VAL A 187 -9.73 -14.13 6.87
N LYS A 188 -9.47 -14.92 7.90
CA LYS A 188 -9.96 -16.29 7.97
C LYS A 188 -11.48 -16.29 8.01
N ASP A 189 -12.03 -15.42 8.85
CA ASP A 189 -13.48 -15.31 9.01
C ASP A 189 -14.13 -14.94 7.67
N PHE A 190 -13.60 -13.92 7.00
CA PHE A 190 -14.13 -13.50 5.72
C PHE A 190 -14.15 -14.63 4.69
N LYS A 191 -13.04 -15.33 4.54
CA LYS A 191 -12.97 -16.43 3.59
C LYS A 191 -14.00 -17.50 3.94
N ALA A 192 -14.10 -17.84 5.22
CA ALA A 192 -15.03 -18.85 5.68
C ALA A 192 -16.49 -18.47 5.40
N ARG A 193 -16.81 -17.19 5.52
CA ARG A 193 -18.18 -16.74 5.29
C ARG A 193 -18.44 -16.22 3.89
N GLY A 194 -17.44 -16.35 3.02
CA GLY A 194 -17.61 -15.93 1.65
C GLY A 194 -17.67 -14.43 1.41
N VAL A 195 -17.08 -13.65 2.31
CA VAL A 195 -17.06 -12.21 2.13
C VAL A 195 -15.98 -11.93 1.09
N PRO A 196 -16.26 -11.09 0.10
CA PRO A 196 -15.25 -10.81 -0.92
C PRO A 196 -13.95 -10.31 -0.28
N LEU A 197 -12.84 -10.98 -0.58
CA LEU A 197 -11.53 -10.62 -0.03
C LEU A 197 -10.51 -11.49 -0.76
N ASP A 198 -9.60 -10.86 -1.50
CA ASP A 198 -8.61 -11.61 -2.28
C ASP A 198 -7.16 -11.42 -1.89
N CYS A 199 -6.87 -10.41 -1.09
CA CYS A 199 -5.47 -10.14 -0.77
C CYS A 199 -5.28 -9.36 0.52
N VAL A 200 -4.04 -9.38 1.01
CA VAL A 200 -3.66 -8.66 2.22
C VAL A 200 -2.39 -7.87 1.90
N GLY A 201 -2.41 -6.59 2.23
CA GLY A 201 -1.26 -5.75 1.96
C GLY A 201 -0.48 -5.43 3.21
N PHE A 202 0.80 -5.80 3.21
CA PHE A 202 1.67 -5.56 4.34
C PHE A 202 2.49 -4.32 4.00
N GLN A 203 2.05 -3.18 4.51
CA GLN A 203 2.68 -1.89 4.27
C GLN A 203 4.21 -1.90 4.41
N SER A 204 4.69 -2.52 5.47
CA SER A 204 6.13 -2.63 5.67
C SER A 204 6.89 -1.32 5.83
N HIS A 205 6.37 -0.42 6.65
CA HIS A 205 7.07 0.83 6.94
C HIS A 205 7.94 0.39 8.11
N LEU A 206 9.13 -0.09 7.79
CA LEU A 206 10.07 -0.61 8.78
C LEU A 206 11.17 0.36 9.21
N ILE A 207 11.88 -0.01 10.27
CA ILE A 207 12.99 0.78 10.81
C ILE A 207 14.22 -0.05 10.47
N VAL A 208 15.29 0.56 9.96
CA VAL A 208 16.42 -0.30 9.58
C VAL A 208 17.05 -1.04 10.76
N GLY A 209 17.43 -2.27 10.46
CA GLY A 209 18.00 -3.15 11.46
C GLY A 209 16.87 -3.82 12.23
N GLN A 210 15.63 -3.60 11.81
CA GLN A 210 14.47 -4.17 12.49
C GLN A 210 13.47 -4.95 11.63
N VAL A 211 13.95 -5.66 10.62
CA VAL A 211 13.04 -6.45 9.78
C VAL A 211 12.64 -7.70 10.57
N PRO A 212 11.34 -7.99 10.66
CA PRO A 212 10.88 -9.17 11.41
C PRO A 212 11.51 -10.47 10.88
N GLY A 213 12.06 -11.26 11.80
CA GLY A 213 12.68 -12.52 11.39
C GLY A 213 11.70 -13.59 10.98
N ASP A 214 10.41 -13.34 11.22
CA ASP A 214 9.37 -14.29 10.87
C ASP A 214 8.46 -13.73 9.78
N PHE A 215 9.00 -12.80 8.99
CA PHE A 215 8.25 -12.15 7.92
C PHE A 215 7.66 -13.16 6.92
N ARG A 216 8.51 -13.98 6.32
CA ARG A 216 8.07 -14.98 5.35
C ARG A 216 7.04 -15.93 5.96
N GLN A 217 7.32 -16.36 7.19
CA GLN A 217 6.43 -17.27 7.90
C GLN A 217 5.05 -16.66 8.04
N ASN A 218 4.99 -15.38 8.37
CA ASN A 218 3.73 -14.69 8.54
C ASN A 218 3.04 -14.52 7.18
N LEU A 219 3.79 -14.16 6.16
CA LEU A 219 3.24 -14.01 4.82
C LEU A 219 2.64 -15.33 4.35
N GLN A 220 3.36 -16.42 4.61
CA GLN A 220 2.90 -17.73 4.18
C GLN A 220 1.60 -18.18 4.86
N ARG A 221 1.43 -17.89 6.15
CA ARG A 221 0.22 -18.30 6.86
C ARG A 221 -1.00 -17.55 6.34
N PHE A 222 -0.81 -16.32 5.88
CA PHE A 222 -1.93 -15.56 5.34
C PHE A 222 -2.25 -16.13 3.97
N ALA A 223 -1.20 -16.42 3.20
CA ALA A 223 -1.37 -16.97 1.86
C ALA A 223 -2.14 -18.29 1.97
N ASP A 224 -1.83 -19.06 3.02
CA ASP A 224 -2.47 -20.34 3.24
C ASP A 224 -3.95 -20.26 3.59
N LEU A 225 -4.43 -19.06 3.92
CA LEU A 225 -5.84 -18.86 4.23
C LEU A 225 -6.61 -18.79 2.90
N GLY A 226 -5.85 -18.74 1.80
CA GLY A 226 -6.47 -18.68 0.49
C GLY A 226 -6.54 -17.30 -0.13
N VAL A 227 -5.53 -16.47 0.13
CA VAL A 227 -5.48 -15.13 -0.44
C VAL A 227 -4.06 -14.79 -0.86
N ASP A 228 -3.92 -13.76 -1.69
CA ASP A 228 -2.61 -13.32 -2.15
C ASP A 228 -2.07 -12.36 -1.10
N VAL A 229 -0.77 -12.15 -1.10
CA VAL A 229 -0.15 -11.21 -0.17
C VAL A 229 0.73 -10.28 -0.97
N ARG A 230 1.01 -9.11 -0.43
CA ARG A 230 1.83 -8.13 -1.12
C ARG A 230 2.40 -7.12 -0.15
N ILE A 231 3.63 -6.67 -0.42
CA ILE A 231 4.26 -5.63 0.41
C ILE A 231 3.84 -4.37 -0.35
N THR A 232 3.05 -3.53 0.30
CA THR A 232 2.51 -2.35 -0.36
C THR A 232 3.12 -0.96 -0.17
N GLU A 233 3.81 -0.71 0.94
CA GLU A 233 4.37 0.63 1.16
C GLU A 233 5.75 0.59 1.78
N LEU A 234 6.61 -0.24 1.20
CA LEU A 234 7.95 -0.43 1.71
C LEU A 234 8.88 0.76 1.74
N ASP A 235 9.48 0.95 2.90
CA ASP A 235 10.51 1.96 3.14
C ASP A 235 11.09 1.61 4.50
N ILE A 236 12.39 1.80 4.65
CA ILE A 236 13.06 1.45 5.90
C ILE A 236 13.80 2.66 6.39
N ARG A 237 13.20 3.35 7.35
CA ARG A 237 13.75 4.58 7.90
C ARG A 237 14.86 4.41 8.92
N MET A 238 15.83 5.32 8.83
CA MET A 238 16.98 5.32 9.71
C MET A 238 17.04 6.68 10.38
N ARG A 239 17.91 6.79 11.39
CA ARG A 239 18.09 8.05 12.06
C ARG A 239 18.98 8.85 11.12
N THR A 240 18.59 10.08 10.80
CA THR A 240 19.40 10.90 9.91
C THR A 240 20.45 11.68 10.71
N PRO A 241 21.55 12.08 10.05
CA PRO A 241 21.84 11.83 8.63
C PRO A 241 22.29 10.40 8.38
N SER A 242 22.25 10.00 7.13
CA SER A 242 22.67 8.66 6.75
C SER A 242 24.19 8.60 6.76
N ASP A 243 24.72 7.39 6.83
CA ASP A 243 26.16 7.17 6.78
C ASP A 243 26.36 5.79 6.19
N ALA A 244 27.61 5.40 6.00
CA ALA A 244 27.92 4.11 5.39
C ALA A 244 27.34 2.88 6.10
N THR A 245 27.57 2.73 7.40
CA THR A 245 27.02 1.53 8.02
C THR A 245 25.48 1.52 8.07
N LYS A 246 24.82 2.68 8.17
CA LYS A 246 23.36 2.68 8.19
C LYS A 246 22.84 2.29 6.79
N LEU A 247 23.48 2.80 5.74
CA LEU A 247 23.07 2.49 4.38
C LEU A 247 23.29 1.02 4.04
N ALA A 248 24.31 0.41 4.65
CA ALA A 248 24.59 -0.99 4.40
C ALA A 248 23.57 -1.86 5.12
N THR A 249 23.25 -1.49 6.35
CA THR A 249 22.27 -2.24 7.12
C THR A 249 20.94 -2.16 6.37
N GLN A 250 20.61 -0.97 5.89
CA GLN A 250 19.37 -0.77 5.15
C GLN A 250 19.34 -1.64 3.89
N ALA A 251 20.46 -1.69 3.19
CA ALA A 251 20.55 -2.51 1.98
C ALA A 251 20.24 -3.95 2.36
N ALA A 252 20.80 -4.39 3.49
CA ALA A 252 20.57 -5.75 3.95
C ALA A 252 19.09 -5.96 4.28
N ASP A 253 18.44 -4.95 4.84
CA ASP A 253 17.02 -5.07 5.20
C ASP A 253 16.15 -5.19 3.97
N TYR A 254 16.42 -4.37 2.96
CA TYR A 254 15.66 -4.41 1.71
C TYR A 254 15.77 -5.79 1.09
N LYS A 255 16.96 -6.39 1.15
CA LYS A 255 17.17 -7.71 0.59
C LYS A 255 16.32 -8.73 1.34
N LYS A 256 16.29 -8.61 2.66
CA LYS A 256 15.52 -9.53 3.49
C LYS A 256 14.03 -9.44 3.20
N VAL A 257 13.52 -8.23 2.98
CA VAL A 257 12.10 -8.07 2.69
C VAL A 257 11.72 -8.65 1.33
N VAL A 258 12.49 -8.33 0.29
CA VAL A 258 12.20 -8.85 -1.04
C VAL A 258 12.32 -10.37 -1.03
N GLN A 259 13.31 -10.88 -0.28
CA GLN A 259 13.52 -12.33 -0.18
C GLN A 259 12.30 -13.03 0.40
N ALA A 260 11.77 -12.49 1.49
CA ALA A 260 10.60 -13.09 2.12
C ALA A 260 9.48 -13.24 1.10
N CYS A 261 9.28 -12.20 0.29
CA CYS A 261 8.25 -12.23 -0.74
C CYS A 261 8.56 -13.31 -1.78
N MET A 262 9.81 -13.37 -2.22
CA MET A 262 10.23 -14.36 -3.20
C MET A 262 10.00 -15.79 -2.71
N GLN A 263 10.07 -15.97 -1.39
CA GLN A 263 9.90 -17.29 -0.78
C GLN A 263 8.45 -17.70 -0.56
N VAL A 264 7.52 -16.85 -0.97
CA VAL A 264 6.09 -17.15 -0.84
C VAL A 264 5.48 -17.09 -2.24
N THR A 265 5.01 -18.22 -2.74
CA THR A 265 4.46 -18.29 -4.09
C THR A 265 3.35 -17.28 -4.34
N ARG A 266 2.54 -16.98 -3.34
CA ARG A 266 1.45 -16.03 -3.51
C ARG A 266 1.77 -14.58 -3.21
N CYS A 267 3.04 -14.25 -2.99
CA CYS A 267 3.38 -12.86 -2.75
C CYS A 267 3.50 -12.22 -4.14
N GLN A 268 2.54 -11.35 -4.46
CA GLN A 268 2.49 -10.71 -5.77
C GLN A 268 3.67 -9.81 -6.09
N GLY A 269 4.29 -9.25 -5.06
CA GLY A 269 5.43 -8.38 -5.29
C GLY A 269 5.65 -7.37 -4.18
N VAL A 270 6.51 -6.39 -4.47
CA VAL A 270 6.85 -5.36 -3.51
C VAL A 270 6.71 -3.97 -4.10
N THR A 271 6.07 -3.08 -3.36
CA THR A 271 5.89 -1.70 -3.79
C THR A 271 6.53 -0.81 -2.75
N VAL A 272 7.44 0.07 -3.17
CA VAL A 272 8.10 1.00 -2.26
C VAL A 272 7.33 2.30 -2.23
N TRP A 273 7.19 2.88 -1.05
CA TRP A 273 6.42 4.12 -0.90
C TRP A 273 7.16 5.36 -1.36
N GLY A 274 7.46 5.41 -2.65
CA GLY A 274 8.16 6.55 -3.22
C GLY A 274 9.40 6.11 -3.96
N ILE A 275 10.02 7.04 -4.66
CA ILE A 275 11.24 6.77 -5.41
C ILE A 275 12.48 7.34 -4.71
N THR A 276 12.45 8.64 -4.44
CA THR A 276 13.57 9.34 -3.82
C THR A 276 13.35 9.92 -2.42
N ASP A 277 14.42 9.95 -1.63
CA ASP A 277 14.35 10.49 -0.27
C ASP A 277 13.97 11.97 -0.33
N LYS A 278 14.16 12.57 -1.50
CA LYS A 278 13.84 13.98 -1.71
C LYS A 278 12.37 14.26 -1.39
N TYR A 279 11.51 13.30 -1.70
CA TYR A 279 10.07 13.46 -1.48
C TYR A 279 9.43 12.51 -0.47
N SER A 280 10.22 11.56 0.04
CA SER A 280 9.73 10.60 1.02
C SER A 280 8.92 11.27 2.12
N TRP A 281 7.84 10.62 2.53
CA TRP A 281 6.96 11.16 3.56
C TRP A 281 7.50 11.04 4.99
N VAL A 282 8.52 10.22 5.18
CA VAL A 282 9.06 9.98 6.51
C VAL A 282 9.51 11.16 7.38
N PRO A 283 10.45 11.98 6.90
CA PRO A 283 10.93 13.14 7.69
C PRO A 283 9.88 14.02 8.37
N ASP A 284 8.81 14.38 7.66
CA ASP A 284 7.78 15.23 8.23
C ASP A 284 6.85 14.53 9.21
N VAL A 285 6.84 13.20 9.19
CA VAL A 285 5.97 12.43 10.08
C VAL A 285 6.75 11.81 11.23
N PHE A 286 8.02 11.48 10.99
CA PHE A 286 8.87 10.87 12.01
C PHE A 286 10.09 11.75 12.25
N PRO A 287 9.97 12.74 13.15
CA PRO A 287 11.10 13.62 13.42
C PRO A 287 12.41 12.91 13.70
N GLY A 288 13.46 13.37 13.02
CA GLY A 288 14.78 12.80 13.20
C GLY A 288 15.03 11.52 12.42
N GLU A 289 14.04 11.07 11.66
CA GLU A 289 14.18 9.85 10.87
C GLU A 289 13.99 10.14 9.38
N GLY A 290 14.55 9.28 8.53
CA GLY A 290 14.43 9.48 7.10
C GLY A 290 15.31 8.59 6.24
N ALA A 291 15.75 9.10 5.10
CA ALA A 291 16.62 8.38 4.16
C ALA A 291 16.13 6.94 4.04
N ALA A 292 14.82 6.77 3.84
CA ALA A 292 14.21 5.45 3.78
C ALA A 292 14.00 4.77 2.43
N LEU A 293 14.21 5.49 1.33
CA LEU A 293 13.98 4.90 0.02
C LEU A 293 15.21 4.38 -0.73
N VAL A 294 14.98 3.87 -1.93
CA VAL A 294 16.05 3.31 -2.75
C VAL A 294 16.95 4.33 -3.43
N TRP A 295 16.42 5.53 -3.68
CA TRP A 295 17.19 6.61 -4.31
C TRP A 295 17.35 7.76 -3.33
N ASP A 296 18.53 8.37 -3.27
CA ASP A 296 18.72 9.49 -2.37
C ASP A 296 18.17 10.77 -3.00
N ALA A 297 18.30 11.88 -2.28
CA ALA A 297 17.78 13.17 -2.75
C ALA A 297 18.36 13.68 -4.06
N SER A 298 19.47 13.11 -4.50
CA SER A 298 20.11 13.53 -5.76
C SER A 298 19.85 12.51 -6.85
N TYR A 299 18.90 11.61 -6.60
CA TYR A 299 18.55 10.56 -7.55
C TYR A 299 19.69 9.61 -7.84
N ALA A 300 20.52 9.38 -6.82
CA ALA A 300 21.63 8.46 -6.95
C ALA A 300 21.15 7.17 -6.27
N LYS A 301 21.38 6.03 -6.90
CA LYS A 301 20.99 4.77 -6.29
C LYS A 301 21.78 4.57 -5.01
N LYS A 302 21.10 4.09 -3.97
CA LYS A 302 21.74 3.82 -2.70
C LYS A 302 22.09 2.34 -2.70
N PRO A 303 22.82 1.86 -1.68
CA PRO A 303 23.17 0.43 -1.66
C PRO A 303 21.95 -0.49 -1.74
N ALA A 304 20.82 -0.01 -1.24
CA ALA A 304 19.60 -0.79 -1.26
C ALA A 304 19.20 -1.22 -2.67
N TYR A 305 19.59 -0.44 -3.67
CA TYR A 305 19.26 -0.77 -5.05
C TYR A 305 19.80 -2.14 -5.46
N ALA A 306 21.11 -2.33 -5.32
CA ALA A 306 21.74 -3.60 -5.68
C ALA A 306 21.14 -4.75 -4.87
N ALA A 307 20.79 -4.48 -3.61
CA ALA A 307 20.21 -5.51 -2.75
C ALA A 307 18.86 -5.98 -3.30
N VAL A 308 18.04 -5.03 -3.75
CA VAL A 308 16.74 -5.36 -4.32
C VAL A 308 16.93 -6.14 -5.61
N MET A 309 17.89 -5.70 -6.42
CA MET A 309 18.20 -6.35 -7.69
C MET A 309 18.59 -7.81 -7.47
N GLU A 310 19.45 -8.03 -6.47
CA GLU A 310 19.91 -9.37 -6.16
C GLU A 310 18.80 -10.25 -5.57
N ALA A 311 17.92 -9.63 -4.80
CA ALA A 311 16.82 -10.36 -4.17
C ALA A 311 15.83 -10.90 -5.21
N PHE A 312 15.58 -10.12 -6.26
CA PHE A 312 14.66 -10.56 -7.30
C PHE A 312 15.29 -11.60 -8.22
C1 LOX B . 0.36 4.59 5.54
C2 LOX B . -0.84 4.85 4.55
C3 LOX B . -0.37 5.76 3.33
C4 LOX B . 0.55 6.90 3.83
C5 LOX B . 1.90 6.31 4.33
N5 LOX B . 1.57 5.31 5.38
ON1 LOX B . 1.46 3.58 7.19
N1 LOX B . 0.30 3.69 6.51
O2 LOX B . -1.44 3.68 4.08
O3 LOX B . -1.51 6.33 2.67
O4 LOX B . 0.83 7.78 2.75
C1 XYP B . 1.06 9.13 3.24
C2 XYP B . 1.63 9.97 2.09
C3 XYP B . 1.76 11.44 2.52
C4 XYP B . 0.44 11.95 3.09
C5 XYP B . -0.07 11.02 4.19
O2 XYP B . 2.90 9.46 1.73
O3 XYP B . 2.13 12.21 1.40
O4 XYP B . 0.62 13.26 3.60
O5 XYP B . -0.20 9.67 3.68
#